data_3KUC
#
_entry.id   3KUC
#
_cell.length_a   43.120
_cell.length_b   68.540
_cell.length_c   101.630
_cell.angle_alpha   90.00
_cell.angle_beta   90.00
_cell.angle_gamma   90.00
#
_symmetry.space_group_name_H-M   'P 21 21 21'
#
loop_
_entity.id
_entity.type
_entity.pdbx_description
1 polymer 'Ras-related protein Rap-1A'
2 polymer 'RAF proto-oncogene serine/threonine-protein kinase'
3 non-polymer "GUANOSINE-5'-DIPHOSPHATE"
4 non-polymer 'MAGNESIUM ION'
5 non-polymer 'CALCIUM ION'
6 water water
#
loop_
_entity_poly.entity_id
_entity_poly.type
_entity_poly.pdbx_seq_one_letter_code
_entity_poly.pdbx_strand_id
1 'polypeptide(L)'
;MREYKLVVLGSGGVGKSALTVQFVQGIFVDEYDPTIEDSYRKQVEVDCQQCMLEILDTAGTEQFTAMRDLYMKNGQGFAL
VYSITAQSTFNDLQDLREQILRVKDTEDVPMILVGNKCDLEDERVVGKEQGQNLARQWCNCAFLESSAKSKINVNEIFYD
LVRQINR
;
A
2 'polypeptide(L)'
;PSKTSNTIRVFLPNKQRTVVRVRNGMSLHDCLMKKLKVRGLQPECCAVFRLLHEHKGKKARLDWNTDAASLIGEELQVDF
L
;
B
#
# COMPACT_ATOMS: atom_id res chain seq x y z
N MET A 1 -10.93 14.79 -13.23
CA MET A 1 -10.76 13.39 -13.75
C MET A 1 -11.18 12.39 -12.67
N ARG A 2 -11.55 11.18 -13.11
CA ARG A 2 -12.14 10.19 -12.23
C ARG A 2 -11.06 9.71 -11.19
N GLU A 3 -11.44 9.54 -9.93
CA GLU A 3 -10.47 9.00 -8.97
C GLU A 3 -10.81 7.60 -8.65
N TYR A 4 -9.79 6.79 -8.36
CA TYR A 4 -10.02 5.37 -8.23
C TYR A 4 -9.39 5.02 -6.90
N LYS A 5 -10.22 4.59 -5.96
CA LYS A 5 -9.68 4.23 -4.66
C LYS A 5 -9.33 2.69 -4.73
N LEU A 6 -8.05 2.37 -4.80
CA LEU A 6 -7.66 0.92 -4.77
C LEU A 6 -7.06 0.47 -3.41
N VAL A 7 -7.25 -0.80 -3.07
CA VAL A 7 -6.77 -1.33 -1.80
C VAL A 7 -6.00 -2.62 -2.03
N VAL A 8 -4.75 -2.63 -1.60
CA VAL A 8 -3.90 -3.80 -1.71
C VAL A 8 -3.87 -4.66 -0.40
N LEU A 9 -4.35 -5.91 -0.47
CA LEU A 9 -4.60 -6.76 0.69
C LEU A 9 -3.75 -8.06 0.61
N GLY A 10 -3.51 -8.73 1.74
CA GLY A 10 -2.78 -10.03 1.79
C GLY A 10 -1.87 -10.05 2.98
N SER A 11 -1.34 -11.24 3.30
CA SER A 11 -0.42 -11.43 4.41
C SER A 11 0.91 -10.76 4.30
N GLY A 12 1.60 -10.77 5.44
CA GLY A 12 2.92 -10.17 5.53
C GLY A 12 3.94 -10.80 4.58
N GLY A 13 4.72 -9.93 3.97
CA GLY A 13 5.89 -10.30 3.23
C GLY A 13 5.57 -10.74 1.79
N VAL A 14 4.33 -10.60 1.35
CA VAL A 14 4.06 -11.15 0.01
C VAL A 14 4.47 -10.20 -1.17
N GLY A 15 4.74 -8.92 -0.87
CA GLY A 15 5.11 -7.96 -1.93
C GLY A 15 4.04 -6.91 -2.16
N LYS A 16 3.09 -6.75 -1.22
CA LYS A 16 2.10 -5.66 -1.40
C LYS A 16 2.81 -4.29 -1.59
N SER A 17 3.74 -3.98 -0.69
CA SER A 17 4.44 -2.66 -0.81
C SER A 17 5.32 -2.65 -2.04
N ALA A 18 6.01 -3.78 -2.34
CA ALA A 18 6.98 -3.77 -3.48
C ALA A 18 6.21 -3.60 -4.78
N LEU A 19 5.06 -4.26 -4.90
CA LEU A 19 4.23 -4.07 -6.07
C LEU A 19 3.73 -2.65 -6.21
N THR A 20 3.26 -2.09 -5.12
CA THR A 20 2.68 -0.72 -5.14
C THR A 20 3.79 0.34 -5.49
N VAL A 21 4.95 0.19 -4.86
CA VAL A 21 6.09 1.11 -5.07
C VAL A 21 6.69 0.95 -6.51
N GLN A 22 6.80 -0.28 -6.95
CA GLN A 22 7.21 -0.50 -8.34
C GLN A 22 6.28 0.21 -9.30
N PHE A 23 4.99 0.02 -9.07
CA PHE A 23 3.99 0.70 -9.89
C PHE A 23 4.08 2.22 -9.87
N VAL A 24 4.12 2.78 -8.68
CA VAL A 24 3.98 4.24 -8.58
C VAL A 24 5.30 4.93 -8.81
N GLN A 25 6.40 4.35 -8.37
CA GLN A 25 7.71 4.99 -8.36
C GLN A 25 8.74 4.36 -9.30
N GLY A 26 8.48 3.12 -9.78
CA GLY A 26 9.37 2.51 -10.74
C GLY A 26 10.64 2.06 -10.06
N ILE A 27 10.64 1.80 -8.75
CA ILE A 27 11.83 1.23 -8.11
C ILE A 27 11.42 -0.04 -7.40
N PHE A 28 12.38 -0.91 -7.20
CA PHE A 28 12.08 -2.14 -6.47
C PHE A 28 12.58 -1.98 -5.07
N VAL A 29 11.72 -2.28 -4.13
CA VAL A 29 12.10 -2.27 -2.72
C VAL A 29 12.72 -3.63 -2.31
N ASP A 30 14.03 -3.64 -1.98
CA ASP A 30 14.71 -4.91 -1.72
C ASP A 30 14.50 -5.51 -0.36
N GLU A 31 14.52 -4.65 0.66
CA GLU A 31 14.42 -5.15 2.03
C GLU A 31 13.01 -5.09 2.56
N TYR A 32 12.73 -5.97 3.51
CA TYR A 32 11.40 -6.06 4.03
C TYR A 32 11.24 -5.03 5.20
N ASP A 33 10.40 -3.99 4.99
CA ASP A 33 10.08 -3.01 6.05
C ASP A 33 8.55 -3.23 6.27
N PRO A 34 8.14 -3.94 7.36
CA PRO A 34 6.72 -4.18 7.56
C PRO A 34 5.92 -2.87 7.58
N THR A 35 4.83 -2.84 6.84
CA THR A 35 4.02 -1.65 6.70
C THR A 35 3.17 -1.43 7.92
N ILE A 36 3.06 -0.19 8.39
CA ILE A 36 2.06 0.13 9.40
C ILE A 36 0.87 0.79 8.71
N GLU A 37 1.08 1.95 8.07
CA GLU A 37 0.02 2.57 7.21
C GLU A 37 0.80 3.20 6.10
N ASP A 38 0.31 3.11 4.86
CA ASP A 38 0.97 3.90 3.77
C ASP A 38 -0.05 4.09 2.68
N SER A 39 -0.19 5.31 2.18
CA SER A 39 -1.01 5.50 0.98
C SER A 39 -0.12 6.14 -0.08
N TYR A 40 -0.54 5.89 -1.32
CA TYR A 40 0.18 6.44 -2.49
C TYR A 40 -0.83 7.00 -3.46
N ARG A 41 -0.44 7.93 -4.35
CA ARG A 41 -1.35 8.33 -5.40
C ARG A 41 -0.67 8.34 -6.77
N LYS A 42 -1.37 8.05 -7.86
CA LYS A 42 -0.74 8.12 -9.17
C LYS A 42 -1.79 8.47 -10.21
N GLN A 43 -1.50 9.44 -11.05
CA GLN A 43 -2.40 9.63 -12.21
C GLN A 43 -2.00 8.75 -13.37
N VAL A 44 -2.97 8.01 -13.90
CA VAL A 44 -2.70 7.04 -14.96
C VAL A 44 -3.64 7.11 -16.14
N GLU A 45 -3.04 6.75 -17.27
CA GLU A 45 -3.60 6.63 -18.58
C GLU A 45 -4.15 5.20 -18.70
N VAL A 46 -5.47 5.06 -18.64
CA VAL A 46 -6.09 3.73 -18.69
C VAL A 46 -6.86 3.57 -19.99
N ASP A 47 -6.54 2.48 -20.69
CA ASP A 47 -6.93 2.35 -22.05
C ASP A 47 -6.36 3.66 -22.64
N CYS A 48 -7.20 4.68 -22.80
CA CYS A 48 -6.72 6.00 -23.25
C CYS A 48 -7.31 7.11 -22.41
N GLN A 49 -7.25 7.02 -21.10
CA GLN A 49 -8.10 7.91 -20.31
C GLN A 49 -7.56 8.23 -18.92
N GLN A 50 -7.86 9.46 -18.46
CA GLN A 50 -7.29 9.99 -17.22
C GLN A 50 -7.97 9.55 -15.97
N CYS A 51 -7.15 8.94 -15.10
CA CYS A 51 -7.53 8.27 -13.90
C CYS A 51 -6.59 8.67 -12.74
N MET A 52 -7.16 9.13 -11.64
CA MET A 52 -6.33 9.40 -10.45
C MET A 52 -6.41 8.17 -9.56
N LEU A 53 -5.28 7.51 -9.28
CA LEU A 53 -5.36 6.29 -8.44
C LEU A 53 -4.84 6.63 -7.06
N GLU A 54 -5.63 6.33 -6.05
CA GLU A 54 -5.13 6.35 -4.72
C GLU A 54 -5.01 4.88 -4.32
N ILE A 55 -3.85 4.51 -3.87
CA ILE A 55 -3.62 3.08 -3.49
C ILE A 55 -3.35 2.99 -2.01
N LEU A 56 -4.12 2.21 -1.29
CA LEU A 56 -3.85 2.01 0.12
CA LEU A 56 -3.88 1.99 0.13
C LEU A 56 -3.14 0.67 0.28
N ASP A 57 -1.91 0.73 0.80
CA ASP A 57 -1.10 -0.39 1.06
C ASP A 57 -1.22 -0.81 2.53
N THR A 58 -1.74 -1.98 2.80
CA THR A 58 -2.18 -2.29 4.16
C THR A 58 -1.13 -3.06 5.01
N ALA A 59 -1.31 -3.08 6.32
CA ALA A 59 -0.46 -3.88 7.21
C ALA A 59 -1.16 -5.24 7.39
N GLY A 60 -0.41 -6.24 7.72
CA GLY A 60 -1.06 -7.52 8.32
C GLY A 60 -0.94 -7.48 9.84
N THR A 61 -1.85 -6.74 10.48
CA THR A 61 -1.85 -6.61 11.93
C THR A 61 -3.27 -6.68 12.49
N GLU A 62 -3.36 -6.77 13.81
CA GLU A 62 -4.67 -6.73 14.49
C GLU A 62 -5.39 -5.40 14.19
N GLN A 63 -4.63 -4.32 14.15
CA GLN A 63 -5.19 -2.99 13.92
C GLN A 63 -5.86 -2.93 12.50
N PHE A 64 -5.20 -3.53 11.52
CA PHE A 64 -5.78 -3.51 10.19
C PHE A 64 -7.06 -4.35 10.19
N THR A 65 -6.98 -5.51 10.85
CA THR A 65 -8.14 -6.38 11.03
C THR A 65 -9.31 -5.58 11.63
N ALA A 66 -9.02 -4.75 12.63
CA ALA A 66 -10.08 -4.00 13.34
C ALA A 66 -10.61 -2.84 12.47
N MET A 67 -9.82 -2.40 11.50
CA MET A 67 -10.26 -1.36 10.56
C MET A 67 -10.75 -1.86 9.13
N ARG A 68 -10.63 -3.19 8.88
CA ARG A 68 -10.55 -3.70 7.52
C ARG A 68 -11.82 -3.39 6.76
N ASP A 69 -12.96 -3.58 7.42
CA ASP A 69 -14.21 -3.39 6.68
C ASP A 69 -14.29 -1.93 6.26
N LEU A 70 -13.59 -1.08 6.98
CA LEU A 70 -13.63 0.39 6.67
C LEU A 70 -12.87 0.70 5.41
N TYR A 71 -11.71 0.05 5.28
CA TYR A 71 -10.94 0.07 4.08
C TYR A 71 -11.71 -0.57 2.94
N MET A 72 -12.43 -1.66 3.19
CA MET A 72 -13.28 -2.28 2.16
C MET A 72 -14.49 -1.45 1.75
N LYS A 73 -15.16 -0.87 2.74
CA LYS A 73 -16.29 0.00 2.47
C LYS A 73 -15.87 1.15 1.55
N ASN A 74 -14.71 1.75 1.81
CA ASN A 74 -14.26 2.87 1.05
C ASN A 74 -13.56 2.57 -0.27
N GLY A 75 -12.95 1.39 -0.37
CA GLY A 75 -12.23 1.03 -1.55
C GLY A 75 -13.17 0.64 -2.65
N GLN A 76 -12.79 0.96 -3.87
CA GLN A 76 -13.56 0.60 -5.03
C GLN A 76 -13.08 -0.69 -5.74
N GLY A 77 -11.84 -1.08 -5.50
CA GLY A 77 -11.16 -2.19 -6.21
C GLY A 77 -10.10 -2.76 -5.28
N PHE A 78 -9.92 -4.10 -5.37
CA PHE A 78 -9.07 -4.81 -4.42
C PHE A 78 -8.08 -5.75 -5.10
N ALA A 79 -6.82 -5.61 -4.75
CA ALA A 79 -5.82 -6.61 -5.21
C ALA A 79 -5.60 -7.53 -4.02
N LEU A 80 -5.87 -8.84 -4.18
CA LEU A 80 -5.63 -9.76 -3.08
C LEU A 80 -4.31 -10.52 -3.44
N VAL A 81 -3.25 -10.29 -2.68
CA VAL A 81 -1.89 -10.70 -3.09
C VAL A 81 -1.43 -11.84 -2.16
N TYR A 82 -0.83 -12.86 -2.77
CA TYR A 82 -0.13 -13.86 -2.01
C TYR A 82 1.22 -14.02 -2.67
N SER A 83 2.10 -14.81 -2.06
CA SER A 83 3.39 -15.06 -2.68
C SER A 83 3.42 -16.54 -3.09
N ILE A 84 3.85 -16.81 -4.34
CA ILE A 84 3.99 -18.20 -4.81
C ILE A 84 5.03 -18.96 -4.00
N THR A 85 5.82 -18.27 -3.16
CA THR A 85 6.86 -18.99 -2.35
C THR A 85 6.40 -19.23 -0.94
N ALA A 86 5.14 -18.91 -0.60
CA ALA A 86 4.68 -19.01 0.82
C ALA A 86 3.22 -19.46 0.88
N GLN A 87 3.05 -20.76 1.08
CA GLN A 87 1.70 -21.40 1.13
C GLN A 87 0.72 -20.73 2.09
N SER A 88 1.15 -20.36 3.30
CA SER A 88 0.16 -19.87 4.26
C SER A 88 -0.44 -18.59 3.71
N THR A 89 0.32 -17.86 2.89
CA THR A 89 -0.20 -16.53 2.49
C THR A 89 -1.26 -16.73 1.43
N PHE A 90 -1.18 -17.84 0.72
CA PHE A 90 -2.26 -18.19 -0.25
C PHE A 90 -3.52 -18.69 0.49
N ASN A 91 -3.34 -19.50 1.54
CA ASN A 91 -4.48 -20.07 2.31
C ASN A 91 -5.20 -18.91 3.05
N ASP A 92 -4.46 -17.86 3.39
CA ASP A 92 -5.02 -16.71 4.14
C ASP A 92 -6.04 -15.88 3.35
N LEU A 93 -6.06 -15.96 2.03
CA LEU A 93 -6.90 -15.05 1.23
C LEU A 93 -8.40 -15.31 1.19
N GLN A 94 -8.80 -16.58 1.23
CA GLN A 94 -10.25 -16.94 1.20
C GLN A 94 -11.16 -16.03 2.06
N ASP A 95 -10.82 -15.92 3.33
CA ASP A 95 -11.45 -15.03 4.25
C ASP A 95 -11.63 -13.61 3.67
N LEU A 96 -10.58 -13.09 3.02
CA LEU A 96 -10.58 -11.73 2.54
C LEU A 96 -11.60 -11.53 1.41
N ARG A 97 -11.65 -12.45 0.48
CA ARG A 97 -12.67 -12.45 -0.55
C ARG A 97 -14.12 -12.35 -0.02
N GLU A 98 -14.44 -13.18 0.98
CA GLU A 98 -15.86 -13.37 1.39
C GLU A 98 -16.27 -12.07 2.12
N GLN A 99 -15.34 -11.57 2.94
CA GLN A 99 -15.52 -10.29 3.64
C GLN A 99 -15.80 -9.09 2.68
N ILE A 100 -14.95 -8.92 1.66
CA ILE A 100 -15.25 -7.88 0.64
C ILE A 100 -16.69 -7.94 0.07
N LEU A 101 -17.13 -9.14 -0.34
CA LEU A 101 -18.50 -9.31 -0.81
C LEU A 101 -19.54 -9.04 0.28
N ARG A 102 -19.25 -9.45 1.52
CA ARG A 102 -20.09 -9.12 2.70
C ARG A 102 -20.29 -7.58 2.88
N VAL A 103 -19.16 -6.87 2.90
CA VAL A 103 -19.13 -5.43 3.11
C VAL A 103 -19.75 -4.71 1.92
N LYS A 104 -19.58 -5.19 0.71
CA LYS A 104 -20.07 -4.40 -0.42
C LYS A 104 -21.48 -4.77 -0.87
N ASP A 105 -22.09 -5.76 -0.21
CA ASP A 105 -23.50 -6.16 -0.48
C ASP A 105 -23.64 -6.55 -1.93
N THR A 106 -22.61 -7.23 -2.45
CA THR A 106 -22.65 -7.73 -3.83
C THR A 106 -21.49 -8.67 -4.15
N GLU A 107 -21.69 -9.47 -5.18
CA GLU A 107 -20.62 -10.35 -5.67
C GLU A 107 -19.87 -9.69 -6.81
N ASP A 108 -20.42 -8.61 -7.36
CA ASP A 108 -19.73 -7.91 -8.44
CA ASP A 108 -19.85 -7.82 -8.46
C ASP A 108 -18.86 -6.75 -7.93
N VAL A 109 -17.79 -7.17 -7.26
CA VAL A 109 -16.78 -6.22 -6.73
C VAL A 109 -15.50 -6.31 -7.56
N PRO A 110 -15.03 -5.16 -8.09
CA PRO A 110 -13.71 -5.13 -8.74
C PRO A 110 -12.66 -5.75 -7.83
N MET A 111 -12.07 -6.83 -8.34
CA MET A 111 -11.10 -7.60 -7.60
C MET A 111 -10.13 -8.29 -8.57
N ILE A 112 -8.88 -8.50 -8.11
CA ILE A 112 -7.90 -9.33 -8.84
C ILE A 112 -7.08 -10.14 -7.82
N LEU A 113 -6.89 -11.43 -8.15
CA LEU A 113 -6.10 -12.35 -7.34
C LEU A 113 -4.71 -12.33 -7.95
N VAL A 114 -3.67 -12.13 -7.10
CA VAL A 114 -2.33 -11.85 -7.63
C VAL A 114 -1.40 -12.81 -6.89
N GLY A 115 -0.81 -13.71 -7.67
CA GLY A 115 0.29 -14.50 -7.19
C GLY A 115 1.62 -13.83 -7.51
N ASN A 116 2.26 -13.25 -6.49
CA ASN A 116 3.40 -12.42 -6.71
C ASN A 116 4.66 -13.23 -6.52
N LYS A 117 5.81 -12.67 -6.94
CA LYS A 117 7.12 -13.36 -6.83
C LYS A 117 7.33 -14.43 -7.90
N CYS A 118 6.72 -14.24 -9.07
CA CYS A 118 6.82 -15.23 -10.14
C CYS A 118 8.21 -15.34 -10.70
N ASP A 119 9.12 -14.43 -10.34
CA ASP A 119 10.53 -14.66 -10.73
C ASP A 119 11.23 -15.77 -9.91
N LEU A 120 10.66 -16.12 -8.75
CA LEU A 120 11.27 -17.12 -7.89
C LEU A 120 10.72 -18.53 -8.22
N GLU A 121 10.77 -18.88 -9.49
CA GLU A 121 10.16 -20.11 -9.95
C GLU A 121 10.77 -21.31 -9.17
N ASP A 122 12.08 -21.29 -8.88
CA ASP A 122 12.70 -22.46 -8.20
C ASP A 122 12.17 -22.65 -6.80
N GLU A 123 11.60 -21.59 -6.22
CA GLU A 123 11.12 -21.57 -4.82
CA GLU A 123 11.10 -21.58 -4.81
C GLU A 123 9.59 -21.70 -4.75
N ARG A 124 8.96 -21.88 -5.92
CA ARG A 124 7.51 -21.91 -5.97
C ARG A 124 6.98 -23.09 -5.11
N VAL A 125 5.95 -22.77 -4.31
CA VAL A 125 5.26 -23.80 -3.52
C VAL A 125 3.73 -23.70 -3.63
N VAL A 126 3.28 -22.79 -4.49
CA VAL A 126 1.87 -22.71 -4.84
C VAL A 126 1.85 -22.74 -6.36
N GLY A 127 1.03 -23.60 -6.93
CA GLY A 127 1.00 -23.74 -8.41
C GLY A 127 0.30 -22.60 -9.16
N LYS A 128 0.70 -22.37 -10.40
CA LYS A 128 -0.06 -21.36 -11.20
C LYS A 128 -1.49 -21.80 -11.37
N GLU A 129 -1.69 -23.04 -11.81
CA GLU A 129 -3.04 -23.57 -11.99
C GLU A 129 -3.80 -23.58 -10.65
N GLN A 130 -3.09 -23.87 -9.55
CA GLN A 130 -3.69 -23.80 -8.22
C GLN A 130 -4.28 -22.39 -7.90
N GLY A 131 -3.57 -21.31 -8.24
CA GLY A 131 -4.16 -19.95 -8.11
C GLY A 131 -5.31 -19.70 -9.10
N GLN A 132 -5.13 -20.11 -10.37
CA GLN A 132 -6.24 -20.03 -11.39
C GLN A 132 -7.52 -20.75 -10.90
N ASN A 133 -7.34 -21.90 -10.23
CA ASN A 133 -8.48 -22.61 -9.60
C ASN A 133 -9.22 -21.86 -8.49
N LEU A 134 -8.42 -21.20 -7.66
CA LEU A 134 -9.02 -20.41 -6.60
C LEU A 134 -9.79 -19.22 -7.21
N ALA A 135 -9.19 -18.55 -8.21
CA ALA A 135 -9.87 -17.40 -8.88
C ALA A 135 -11.14 -17.84 -9.58
N ARG A 136 -11.07 -18.95 -10.29
CA ARG A 136 -12.25 -19.54 -10.98
C ARG A 136 -13.37 -19.74 -9.97
N GLN A 137 -13.01 -20.32 -8.84
CA GLN A 137 -13.96 -20.56 -7.79
C GLN A 137 -14.63 -19.32 -7.33
N TRP A 138 -13.90 -18.19 -7.28
CA TRP A 138 -14.40 -16.89 -6.91
C TRP A 138 -15.11 -16.25 -8.10
N CYS A 139 -16.11 -16.94 -8.66
CA CYS A 139 -16.93 -16.38 -9.72
C CYS A 139 -16.12 -15.82 -10.92
N ASN A 140 -15.17 -16.62 -11.44
CA ASN A 140 -14.32 -16.21 -12.60
C ASN A 140 -13.60 -14.87 -12.33
N CYS A 141 -13.03 -14.75 -11.13
CA CYS A 141 -12.20 -13.60 -10.74
C CYS A 141 -10.99 -13.41 -11.61
N ALA A 142 -10.62 -12.17 -11.89
CA ALA A 142 -9.39 -11.87 -12.63
C ALA A 142 -8.19 -12.48 -11.86
N PHE A 143 -7.16 -12.96 -12.59
CA PHE A 143 -6.02 -13.60 -11.99
C PHE A 143 -4.75 -13.23 -12.74
N LEU A 144 -3.66 -12.83 -12.04
CA LEU A 144 -2.37 -12.65 -12.71
C LEU A 144 -1.34 -13.25 -11.76
N GLU A 145 -0.22 -13.76 -12.32
CA GLU A 145 1.01 -13.93 -11.54
C GLU A 145 1.95 -12.77 -11.91
N SER A 146 2.59 -12.20 -10.90
CA SER A 146 3.31 -10.96 -11.07
C SER A 146 4.72 -11.10 -10.48
N SER A 147 5.57 -10.10 -10.73
CA SER A 147 6.85 -9.94 -10.07
C SER A 147 7.12 -8.42 -9.97
N ALA A 148 7.21 -7.93 -8.73
CA ALA A 148 7.64 -6.54 -8.48
C ALA A 148 9.08 -6.40 -8.87
N LYS A 149 9.84 -7.47 -8.78
CA LYS A 149 11.32 -7.43 -9.08
C LYS A 149 11.61 -7.38 -10.59
N SER A 150 10.94 -8.22 -11.35
CA SER A 150 11.11 -8.33 -12.82
C SER A 150 10.17 -7.48 -13.58
N LYS A 151 9.26 -6.81 -12.87
CA LYS A 151 8.25 -5.94 -13.49
C LYS A 151 7.39 -6.72 -14.44
N ILE A 152 6.97 -7.90 -14.01
CA ILE A 152 6.00 -8.67 -14.79
C ILE A 152 4.58 -8.39 -14.25
N ASN A 153 3.72 -7.86 -15.11
CA ASN A 153 2.29 -7.72 -14.77
C ASN A 153 1.98 -6.72 -13.62
N VAL A 154 2.90 -5.80 -13.36
CA VAL A 154 2.73 -4.89 -12.22
C VAL A 154 1.64 -3.86 -12.57
N ASN A 155 1.82 -3.17 -13.71
CA ASN A 155 0.87 -2.18 -14.05
C ASN A 155 -0.48 -2.81 -14.31
N GLU A 156 -0.46 -3.98 -14.96
CA GLU A 156 -1.67 -4.71 -15.30
C GLU A 156 -2.60 -4.93 -14.08
N ILE A 157 -2.05 -5.16 -12.89
CA ILE A 157 -2.86 -5.33 -11.69
C ILE A 157 -3.79 -4.15 -11.47
N PHE A 158 -3.22 -2.93 -11.54
CA PHE A 158 -3.94 -1.70 -11.22
C PHE A 158 -4.79 -1.34 -12.44
N TYR A 159 -4.28 -1.58 -13.64
CA TYR A 159 -5.09 -1.18 -14.84
C TYR A 159 -6.32 -2.06 -14.93
N ASP A 160 -6.16 -3.34 -14.57
CA ASP A 160 -7.35 -4.24 -14.62
C ASP A 160 -8.40 -3.87 -13.56
N LEU A 161 -7.97 -3.39 -12.41
CA LEU A 161 -8.93 -2.90 -11.43
C LEU A 161 -9.65 -1.64 -11.93
N VAL A 162 -8.92 -0.70 -12.56
CA VAL A 162 -9.51 0.54 -13.09
C VAL A 162 -10.52 0.12 -14.22
N ARG A 163 -10.11 -0.80 -15.10
CA ARG A 163 -11.03 -1.24 -16.18
C ARG A 163 -12.29 -1.89 -15.62
N GLN A 164 -12.13 -2.71 -14.57
CA GLN A 164 -13.22 -3.31 -13.80
C GLN A 164 -14.17 -2.28 -13.24
N ILE A 165 -13.63 -1.32 -12.49
CA ILE A 165 -14.41 -0.16 -12.02
C ILE A 165 -15.26 0.51 -13.12
N ASN A 166 -14.65 0.72 -14.29
CA ASN A 166 -15.30 1.40 -15.40
C ASN A 166 -16.48 0.67 -15.99
N ARG A 167 -16.56 -0.64 -15.79
CA ARG A 167 -17.65 -1.40 -16.39
C ARG A 167 -18.96 -1.30 -15.62
N ASN B 6 4.78 3.35 19.68
CA ASN B 6 5.83 4.35 19.40
C ASN B 6 5.91 4.57 17.90
N THR B 7 4.86 5.23 17.45
CA THR B 7 4.75 5.57 16.06
C THR B 7 4.40 7.08 15.92
N ILE B 8 4.62 7.58 14.70
CA ILE B 8 4.27 8.95 14.35
C ILE B 8 3.54 8.86 12.99
N ARG B 9 2.39 9.54 12.88
CA ARG B 9 1.72 9.63 11.59
C ARG B 9 2.17 10.92 10.88
N VAL B 10 2.40 10.80 9.59
CA VAL B 10 2.95 11.91 8.81
C VAL B 10 2.12 12.01 7.52
N PHE B 11 1.51 13.19 7.31
CA PHE B 11 0.83 13.48 6.10
C PHE B 11 1.86 14.03 5.12
N LEU B 12 1.67 13.73 3.86
CA LEU B 12 2.73 13.96 2.82
C LEU B 12 2.12 14.65 1.62
N PRO B 13 2.97 15.21 0.73
CA PRO B 13 2.46 15.83 -0.53
C PRO B 13 1.68 14.85 -1.39
N ASN B 14 0.85 15.39 -2.26
CA ASN B 14 -0.03 14.68 -3.20
C ASN B 14 -1.02 13.74 -2.43
N LYS B 15 -1.54 14.24 -1.31
CA LYS B 15 -2.54 13.58 -0.45
C LYS B 15 -2.16 12.15 -0.06
N GLN B 16 -0.94 11.95 0.35
CA GLN B 16 -0.41 10.63 0.73
C GLN B 16 -0.18 10.66 2.27
N ARG B 17 0.01 9.50 2.88
CA ARG B 17 0.29 9.52 4.34
C ARG B 17 1.06 8.26 4.65
N THR B 18 1.77 8.28 5.78
CA THR B 18 2.44 7.11 6.27
C THR B 18 2.42 7.10 7.80
N VAL B 19 2.62 5.95 8.39
CA VAL B 19 2.96 5.90 9.78
C VAL B 19 4.32 5.19 9.93
N VAL B 20 5.18 5.80 10.75
CA VAL B 20 6.52 5.24 10.96
C VAL B 20 6.71 4.87 12.39
N ARG B 21 7.55 3.80 12.60
CA ARG B 21 7.91 3.35 13.94
CA ARG B 21 7.92 3.34 13.93
C ARG B 21 9.14 4.17 14.38
N VAL B 22 9.24 4.38 15.70
CA VAL B 22 10.34 5.21 16.22
C VAL B 22 11.10 4.29 17.17
N ARG B 23 12.41 4.16 16.97
CA ARG B 23 13.25 3.61 18.04
C ARG B 23 13.99 4.74 18.71
N ASN B 24 14.01 4.73 20.05
CA ASN B 24 14.65 5.73 20.83
C ASN B 24 16.10 5.97 20.29
N GLY B 25 16.41 7.23 20.04
CA GLY B 25 17.72 7.63 19.48
C GLY B 25 17.57 8.16 18.03
N MET B 26 16.64 7.67 17.25
CA MET B 26 16.48 8.13 15.85
C MET B 26 16.04 9.56 15.79
N SER B 27 16.53 10.30 14.79
CA SER B 27 15.97 11.63 14.53
C SER B 27 14.72 11.50 13.64
N LEU B 28 13.99 12.58 13.49
CA LEU B 28 12.85 12.59 12.62
C LEU B 28 13.19 12.20 11.21
N HIS B 29 14.34 12.69 10.73
CA HIS B 29 14.75 12.37 9.40
C HIS B 29 15.03 10.84 9.36
N ASP B 30 15.66 10.27 10.42
CA ASP B 30 15.96 8.82 10.41
C ASP B 30 14.68 7.99 10.31
N CYS B 31 13.67 8.35 11.08
CA CYS B 31 12.43 7.57 11.10
CA CYS B 31 12.41 7.59 11.07
C CYS B 31 11.66 7.67 9.75
N LEU B 32 11.81 8.79 9.03
CA LEU B 32 11.09 9.02 7.79
C LEU B 32 11.81 8.72 6.51
N MET B 33 13.14 8.53 6.57
CA MET B 33 13.89 8.56 5.31
CA MET B 33 13.99 8.43 5.38
C MET B 33 13.43 7.49 4.28
N LYS B 34 13.11 6.27 4.70
CA LYS B 34 12.68 5.26 3.72
C LYS B 34 11.35 5.68 3.08
N LYS B 35 10.43 6.23 3.88
CA LYS B 35 9.09 6.58 3.32
C LYS B 35 9.26 7.75 2.38
N LEU B 36 10.20 8.65 2.67
CA LEU B 36 10.40 9.78 1.72
C LEU B 36 11.08 9.29 0.40
N LYS B 37 12.06 8.39 0.51
CA LYS B 37 12.75 7.85 -0.68
C LYS B 37 11.82 7.11 -1.58
N VAL B 38 10.96 6.23 -1.04
CA VAL B 38 10.06 5.53 -1.93
C VAL B 38 9.02 6.44 -2.60
N ARG B 39 8.91 7.69 -2.15
CA ARG B 39 7.96 8.62 -2.81
C ARG B 39 8.71 9.76 -3.52
N GLY B 40 10.05 9.61 -3.67
CA GLY B 40 10.92 10.65 -4.32
C GLY B 40 10.93 12.00 -3.62
N LEU B 41 10.69 12.03 -2.32
CA LEU B 41 10.67 13.24 -1.58
C LEU B 41 12.03 13.57 -0.90
N GLN B 42 12.69 14.64 -1.33
CA GLN B 42 13.99 14.98 -0.69
C GLN B 42 13.81 15.91 0.48
N PRO B 43 14.27 15.53 1.70
CA PRO B 43 13.95 16.42 2.80
C PRO B 43 14.59 17.81 2.66
N GLU B 44 15.68 17.95 1.91
CA GLU B 44 16.19 19.27 1.67
C GLU B 44 15.34 20.20 0.81
N CYS B 45 14.34 19.66 0.10
CA CYS B 45 13.38 20.46 -0.67
C CYS B 45 12.03 20.59 0.05
N CYS B 46 11.94 20.09 1.30
CA CYS B 46 10.72 20.00 2.05
C CYS B 46 10.87 20.60 3.47
N ALA B 47 9.79 21.21 3.95
CA ALA B 47 9.62 21.51 5.37
C ALA B 47 8.69 20.47 6.04
N VAL B 48 8.98 20.20 7.31
CA VAL B 48 8.17 19.33 8.13
C VAL B 48 7.65 20.13 9.36
N PHE B 49 6.38 19.88 9.69
CA PHE B 49 5.62 20.67 10.70
C PHE B 49 4.91 19.72 11.63
N ARG B 50 4.82 20.09 12.90
CA ARG B 50 3.86 19.39 13.76
C ARG B 50 2.53 20.11 13.72
N LEU B 51 1.43 19.33 13.66
CA LEU B 51 0.10 19.91 13.71
C LEU B 51 -0.38 20.20 15.12
N LEU B 52 -0.76 21.44 15.40
CA LEU B 52 -1.07 21.91 16.73
C LEU B 52 -2.55 21.80 16.98
N HIS B 53 -3.02 20.67 17.54
CA HIS B 53 -4.45 20.38 17.60
C HIS B 53 -5.15 21.36 18.52
N GLU B 54 -4.43 21.93 19.50
CA GLU B 54 -5.04 22.96 20.38
C GLU B 54 -5.31 24.27 19.65
N HIS B 55 -4.43 24.60 18.72
CA HIS B 55 -4.49 25.87 17.98
C HIS B 55 -5.08 25.71 16.60
N LYS B 56 -6.26 25.06 16.58
CA LYS B 56 -6.99 24.76 15.33
C LYS B 56 -6.12 24.11 14.22
N GLY B 57 -5.08 23.39 14.62
CA GLY B 57 -4.23 22.68 13.67
C GLY B 57 -3.07 23.47 13.06
N LYS B 58 -2.88 24.73 13.51
CA LYS B 58 -1.72 25.57 13.14
C LYS B 58 -0.49 24.69 13.01
N LYS B 59 0.32 24.93 11.98
CA LYS B 59 1.49 24.12 11.69
C LYS B 59 2.70 24.76 12.33
N ALA B 60 3.49 24.03 13.11
CA ALA B 60 4.73 24.59 13.71
C ALA B 60 5.92 23.89 13.05
N ARG B 61 6.78 24.66 12.41
CA ARG B 61 7.84 24.07 11.67
C ARG B 61 8.95 23.42 12.57
N LEU B 62 9.42 22.22 12.18
CA LEU B 62 10.42 21.45 12.91
C LEU B 62 11.72 21.28 12.13
N ASP B 63 12.84 21.17 12.85
CA ASP B 63 14.13 20.77 12.23
CA ASP B 63 14.10 20.82 12.19
C ASP B 63 14.02 19.31 11.84
N TRP B 64 14.52 18.96 10.64
CA TRP B 64 14.64 17.54 10.30
C TRP B 64 15.43 16.66 11.32
N ASN B 65 16.37 17.25 12.08
CA ASN B 65 17.12 16.56 13.08
CA ASN B 65 17.15 16.51 13.08
C ASN B 65 16.43 16.45 14.45
N THR B 66 15.11 16.81 14.56
CA THR B 66 14.47 16.76 15.85
C THR B 66 14.49 15.34 16.37
N ASP B 67 14.64 15.13 17.68
CA ASP B 67 14.62 13.75 18.25
C ASP B 67 13.26 13.12 18.02
N ALA B 68 13.21 11.93 17.39
CA ALA B 68 11.87 11.37 17.01
C ALA B 68 11.14 10.89 18.23
N ALA B 69 11.85 10.32 19.21
CA ALA B 69 11.15 9.95 20.44
C ALA B 69 10.37 11.10 21.11
N SER B 70 10.89 12.33 21.05
CA SER B 70 10.21 13.52 21.53
C SER B 70 8.88 13.76 20.80
N LEU B 71 8.75 13.23 19.58
CA LEU B 71 7.57 13.47 18.70
C LEU B 71 6.60 12.29 18.69
N ILE B 72 6.78 11.29 19.54
CA ILE B 72 5.85 10.12 19.47
C ILE B 72 4.47 10.63 19.80
N GLY B 73 3.49 10.16 19.02
CA GLY B 73 2.14 10.62 19.20
C GLY B 73 1.86 11.96 18.52
N GLU B 74 2.89 12.69 18.04
CA GLU B 74 2.61 13.90 17.28
C GLU B 74 2.13 13.53 15.83
N GLU B 75 1.32 14.37 15.22
CA GLU B 75 0.95 14.11 13.77
C GLU B 75 1.64 15.20 12.99
N LEU B 76 2.41 14.84 11.94
CA LEU B 76 3.25 15.80 11.24
C LEU B 76 2.76 15.97 9.83
N GLN B 77 3.19 17.05 9.20
CA GLN B 77 2.88 17.26 7.80
C GLN B 77 4.16 17.64 7.10
N VAL B 78 4.40 17.05 5.92
CA VAL B 78 5.61 17.45 5.12
C VAL B 78 5.08 18.20 3.88
N ASP B 79 5.65 19.36 3.58
CA ASP B 79 5.20 20.19 2.47
C ASP B 79 6.47 20.53 1.69
N PHE B 80 6.33 20.81 0.38
CA PHE B 80 7.47 21.32 -0.38
C PHE B 80 7.71 22.73 0.02
N LEU B 81 9.00 23.08 0.03
CA LEU B 81 9.41 24.48 0.00
C LEU B 81 9.11 25.13 -1.39
#